data_5A7G
#
_entry.id   5A7G
#
_cell.length_a   115.390
_cell.length_b   115.390
_cell.length_c   128.140
_cell.angle_alpha   90.00
_cell.angle_beta   90.00
_cell.angle_gamma   120.00
#
_symmetry.space_group_name_H-M   'H 3'
#
loop_
_entity.id
_entity.type
_entity.pdbx_description
1 polymer 'LIVER CARBOXYLESTERASE 1'
2 non-polymer 2-acetamido-2-deoxy-beta-D-glucopyranose
3 water water
#
_entity_poly.entity_id   1
_entity_poly.type   'polypeptide(L)'
_entity_poly.pdbx_seq_one_letter_code
;SSPPVVDTVHGKVLGKFVSLEGFAQPVAIFLGIPFAKPPLGPLRFTPPQPAEPWSFVKNATSYPPMCTQDPKAGQLLSEL
FTNRKENIPLKLSEDCLYLNIYTPADLTKKNRLPVMVWIHGGGLMVGAASTYDGLALAAHENVVVVTIQYRLGIWGFFST
GDEHSRGNWGHLDQVAALRWVQDNIASFGGNPGSVTIFGEAAGGESVSVLVLSPLAKNLFHRAISESGVALTSVLVKKGD
VKPLAEQIAITAGCKTTTSAVMVHCLRQKTEEELLETTLKMKFLSLDLQGDPRESQPLLGTVIDGMLLLKTPEELQAERN
FHTVPYMVGINKQEFGWLIPMLMSYPLSEGQLDQKTAMSLLWKSYPLVCIAKELIPEATEKYLGGTDDTVKKKDLFLDLI
ADVMFGVPSVIVARNHRDAGAPTYMYEFQYRPSFSSDMKPKTVIGDHGDELFSVFGAPFLKEGASEEEIRLSKMVMKFWA
NFARNGNPNGEGLPHWPEYNQKEGYLQIGANTQAAQKLKDKEVAFWTNLFAK
;
_entity_poly.pdbx_strand_id   A
#
loop_
_chem_comp.id
_chem_comp.type
_chem_comp.name
_chem_comp.formula
NAG D-saccharide, beta linking 2-acetamido-2-deoxy-beta-D-glucopyranose 'C8 H15 N O6'
#
# COMPACT_ATOMS: atom_id res chain seq x y z
N SER A 1 26.35 -18.17 -14.85
CA SER A 1 27.65 -17.79 -15.49
C SER A 1 27.51 -16.45 -16.22
N SER A 2 26.97 -16.51 -17.44
CA SER A 2 26.61 -15.30 -18.20
C SER A 2 25.36 -14.67 -17.59
N PRO A 3 25.39 -13.36 -17.33
CA PRO A 3 24.15 -12.80 -16.84
C PRO A 3 22.97 -12.98 -17.81
N PRO A 4 21.77 -13.18 -17.25
CA PRO A 4 20.53 -13.38 -18.02
C PRO A 4 20.06 -12.16 -18.87
N VAL A 5 19.70 -12.42 -20.14
CA VAL A 5 19.18 -11.40 -21.09
C VAL A 5 17.80 -11.78 -21.67
N VAL A 6 16.84 -10.86 -21.56
CA VAL A 6 15.44 -11.16 -21.82
C VAL A 6 14.86 -10.15 -22.84
N ASP A 7 14.09 -10.65 -23.80
CA ASP A 7 13.36 -9.82 -24.76
C ASP A 7 12.08 -9.35 -24.11
N THR A 8 11.87 -8.05 -24.12
CA THR A 8 10.56 -7.51 -23.72
C THR A 8 9.96 -6.86 -24.99
N VAL A 9 8.70 -6.42 -24.90
CA VAL A 9 8.02 -5.86 -26.06
C VAL A 9 8.85 -4.71 -26.65
N HIS A 10 9.43 -3.89 -25.78
CA HIS A 10 10.11 -2.65 -26.19
C HIS A 10 11.62 -2.76 -26.28
N GLY A 11 12.17 -3.92 -25.98
CA GLY A 11 13.60 -4.14 -26.15
C GLY A 11 14.16 -5.15 -25.15
N LYS A 12 15.44 -5.43 -25.33
CA LYS A 12 16.16 -6.39 -24.50
C LYS A 12 16.65 -5.79 -23.21
N VAL A 13 16.60 -6.62 -22.15
CA VAL A 13 17.13 -6.21 -20.86
C VAL A 13 18.11 -7.25 -20.33
N LEU A 14 19.13 -6.73 -19.66
CA LEU A 14 20.16 -7.49 -18.98
C LEU A 14 19.95 -7.38 -17.46
N GLY A 15 19.84 -8.53 -16.81
CA GLY A 15 19.76 -8.57 -15.35
C GLY A 15 20.99 -9.19 -14.72
N LYS A 16 20.86 -9.64 -13.48
CA LYS A 16 21.94 -10.24 -12.73
C LYS A 16 21.44 -11.45 -11.91
N PHE A 17 22.35 -12.35 -11.54
CA PHE A 17 22.04 -13.47 -10.66
C PHE A 17 22.39 -13.16 -9.22
N VAL A 18 21.50 -13.58 -8.33
CA VAL A 18 21.78 -13.57 -6.91
C VAL A 18 21.33 -14.91 -6.34
N SER A 19 22.24 -15.57 -5.63
CA SER A 19 21.91 -16.80 -4.94
C SER A 19 21.43 -16.52 -3.52
N LEU A 20 20.51 -17.36 -3.09
CA LEU A 20 20.06 -17.34 -1.72
C LEU A 20 20.39 -18.67 -1.08
N GLU A 21 20.89 -18.65 0.14
CA GLU A 21 21.20 -19.90 0.86
C GLU A 21 19.98 -20.82 0.91
N GLY A 22 20.19 -22.08 0.57
CA GLY A 22 19.16 -23.10 0.59
C GLY A 22 18.61 -23.42 -0.78
N PHE A 23 19.02 -22.63 -1.80
CA PHE A 23 18.49 -22.75 -3.15
C PHE A 23 19.60 -22.79 -4.19
N ALA A 24 19.67 -23.89 -4.92
CA ALA A 24 20.76 -24.10 -5.87
C ALA A 24 20.65 -23.17 -7.06
N GLN A 25 19.41 -22.94 -7.50
CA GLN A 25 19.19 -22.07 -8.66
C GLN A 25 19.23 -20.58 -8.24
N PRO A 26 20.18 -19.80 -8.81
CA PRO A 26 20.19 -18.36 -8.54
C PRO A 26 18.90 -17.73 -9.04
N VAL A 27 18.47 -16.69 -8.34
CA VAL A 27 17.35 -15.86 -8.77
C VAL A 27 17.87 -14.81 -9.78
N ALA A 28 17.15 -14.67 -10.88
CA ALA A 28 17.48 -13.65 -11.90
C ALA A 28 16.69 -12.37 -11.54
N ILE A 29 17.43 -11.30 -11.37
CA ILE A 29 16.91 -10.03 -10.94
C ILE A 29 17.16 -8.96 -12.02
N PHE A 30 16.09 -8.18 -12.30
CA PHE A 30 16.10 -7.12 -13.32
C PHE A 30 15.56 -5.88 -12.63
N LEU A 31 16.41 -4.87 -12.45
CA LEU A 31 16.11 -3.68 -11.71
C LEU A 31 15.90 -2.51 -12.65
N GLY A 32 14.88 -1.70 -12.41
CA GLY A 32 14.73 -0.45 -13.17
C GLY A 32 14.30 -0.65 -14.59
N ILE A 33 13.35 -1.54 -14.82
CA ILE A 33 12.75 -1.72 -16.13
C ILE A 33 11.66 -0.65 -16.28
N PRO A 34 11.73 0.20 -17.34
CA PRO A 34 10.66 1.18 -17.48
C PRO A 34 9.39 0.52 -17.96
N PHE A 35 8.22 0.92 -17.41
CA PHE A 35 6.97 0.42 -17.95
C PHE A 35 6.13 1.54 -18.58
N ALA A 36 6.70 2.75 -18.60
CA ALA A 36 6.02 3.91 -19.21
C ALA A 36 7.08 4.90 -19.73
N LYS A 37 6.64 5.86 -20.53
CA LYS A 37 7.45 7.02 -20.89
CA LYS A 37 7.48 7.01 -20.88
C LYS A 37 7.63 7.88 -19.64
N PRO A 38 8.83 8.41 -19.37
CA PRO A 38 8.97 9.27 -18.18
C PRO A 38 8.01 10.48 -18.19
N PRO A 39 7.30 10.74 -17.08
CA PRO A 39 6.18 11.67 -17.12
C PRO A 39 6.64 13.11 -16.86
N LEU A 40 7.51 13.60 -17.76
CA LEU A 40 8.17 14.87 -17.59
C LEU A 40 7.43 15.93 -18.42
N GLY A 41 7.63 17.16 -18.01
CA GLY A 41 7.19 18.30 -18.85
C GLY A 41 5.67 18.29 -19.03
N PRO A 42 5.18 18.27 -20.28
CA PRO A 42 3.72 18.33 -20.48
C PRO A 42 3.01 17.05 -20.06
N LEU A 43 3.77 15.99 -19.78
CA LEU A 43 3.19 14.72 -19.36
C LEU A 43 2.88 14.69 -17.89
N ARG A 44 3.32 15.69 -17.15
CA ARG A 44 2.88 15.82 -15.75
C ARG A 44 1.37 16.00 -15.66
N PHE A 45 0.76 15.32 -14.69
CA PHE A 45 -0.70 15.33 -14.54
C PHE A 45 -1.45 14.81 -15.76
N THR A 46 -0.88 13.82 -16.43
CA THR A 46 -1.54 13.09 -17.48
C THR A 46 -1.36 11.57 -17.26
N PRO A 47 -2.20 10.78 -17.93
CA PRO A 47 -2.04 9.35 -17.83
C PRO A 47 -0.67 8.90 -18.33
N PRO A 48 -0.13 7.81 -17.78
CA PRO A 48 1.14 7.27 -18.29
C PRO A 48 1.01 6.81 -19.74
N GLN A 49 2.06 7.11 -20.54
CA GLN A 49 2.13 6.61 -21.90
CA GLN A 49 2.18 6.66 -21.91
C GLN A 49 3.09 5.43 -21.97
N PRO A 50 2.93 4.58 -23.01
CA PRO A 50 3.89 3.45 -23.18
C PRO A 50 5.34 3.95 -23.27
N ALA A 51 6.27 3.14 -22.76
CA ALA A 51 7.68 3.43 -22.97
C ALA A 51 8.00 3.37 -24.47
N GLU A 52 8.89 4.26 -24.87
CA GLU A 52 9.48 4.21 -26.21
C GLU A 52 10.48 3.06 -26.30
N PRO A 53 10.48 2.34 -27.45
CA PRO A 53 11.37 1.20 -27.62
C PRO A 53 12.85 1.57 -27.72
N TRP A 54 13.70 0.64 -27.29
CA TRP A 54 15.13 0.88 -27.22
C TRP A 54 15.87 -0.14 -28.04
N SER A 55 17.01 0.30 -28.57
CA SER A 55 17.86 -0.57 -29.35
C SER A 55 18.82 -1.26 -28.39
N PHE A 56 19.40 -2.33 -28.88
CA PHE A 56 20.48 -3.01 -28.14
C PHE A 56 19.98 -3.59 -26.81
N VAL A 57 20.83 -3.62 -25.80
CA VAL A 57 20.47 -4.26 -24.51
C VAL A 57 20.53 -3.24 -23.39
N LYS A 58 19.37 -3.04 -22.74
CA LYS A 58 19.30 -2.13 -21.63
C LYS A 58 19.79 -2.82 -20.37
N ASN A 59 20.69 -2.15 -19.67
CA ASN A 59 21.27 -2.69 -18.47
C ASN A 59 20.28 -2.44 -17.32
N ALA A 60 19.73 -3.54 -16.79
CA ALA A 60 18.71 -3.48 -15.73
C ALA A 60 19.29 -4.10 -14.46
N THR A 61 20.37 -3.50 -13.97
CA THR A 61 21.07 -4.00 -12.78
C THR A 61 21.32 -2.97 -11.68
N SER A 62 20.64 -1.82 -11.77
CA SER A 62 20.72 -0.79 -10.74
C SER A 62 19.32 -0.29 -10.39
N TYR A 63 19.15 0.04 -9.13
CA TYR A 63 17.86 0.48 -8.62
C TYR A 63 17.55 1.83 -9.25
N PRO A 64 16.29 2.01 -9.67
CA PRO A 64 15.86 3.27 -10.27
C PRO A 64 15.70 4.34 -9.20
N PRO A 65 15.56 5.61 -9.61
CA PRO A 65 15.13 6.64 -8.67
C PRO A 65 13.78 6.30 -8.06
N MET A 66 13.53 6.81 -6.86
CA MET A 66 12.17 6.83 -6.29
C MET A 66 11.45 8.09 -6.79
N CYS A 67 10.13 8.02 -6.88
CA CYS A 67 9.36 9.18 -7.33
C CYS A 67 9.55 10.34 -6.34
N THR A 68 9.51 11.59 -6.85
CA THR A 68 9.82 12.73 -6.05
C THR A 68 8.94 12.72 -4.80
N GLN A 69 9.55 13.03 -3.68
CA GLN A 69 8.91 12.92 -2.37
C GLN A 69 9.82 13.57 -1.37
N ASP A 70 9.29 13.86 -0.16
CA ASP A 70 10.10 14.30 0.97
C ASP A 70 11.20 13.24 1.19
N PRO A 71 12.47 13.61 0.97
CA PRO A 71 13.53 12.62 1.00
C PRO A 71 13.78 12.10 2.42
N LYS A 72 13.54 12.95 3.41
CA LYS A 72 13.79 12.62 4.80
C LYS A 72 12.75 11.59 5.24
N ALA A 73 11.49 11.90 5.03
CA ALA A 73 10.42 10.96 5.35
C ALA A 73 10.49 9.68 4.53
N GLY A 74 10.86 9.78 3.25
CA GLY A 74 10.92 8.62 2.39
C GLY A 74 12.03 7.66 2.85
N GLN A 75 13.17 8.23 3.21
CA GLN A 75 14.30 7.42 3.67
C GLN A 75 13.96 6.74 4.99
N LEU A 76 13.35 7.50 5.90
CA LEU A 76 12.95 6.96 7.22
C LEU A 76 11.98 5.80 7.04
N LEU A 77 10.96 5.94 6.21
CA LEU A 77 10.00 4.83 5.97
C LEU A 77 10.70 3.61 5.36
N SER A 78 11.59 3.87 4.39
CA SER A 78 12.33 2.77 3.78
C SER A 78 13.15 1.99 4.79
N GLU A 79 13.85 2.70 5.66
CA GLU A 79 14.67 2.08 6.73
C GLU A 79 13.78 1.22 7.66
N LEU A 80 12.59 1.72 7.98
CA LEU A 80 11.66 1.00 8.89
C LEU A 80 11.00 -0.23 8.28
N PHE A 81 10.74 -0.19 6.99
CA PHE A 81 10.00 -1.23 6.30
C PHE A 81 10.86 -2.21 5.49
N THR A 82 12.11 -1.86 5.17
CA THR A 82 12.89 -2.72 4.30
C THR A 82 13.17 -4.07 4.95
N ASN A 83 13.09 -5.11 4.14
CA ASN A 83 13.47 -6.47 4.55
C ASN A 83 14.96 -6.78 4.37
N ARG A 84 15.69 -5.84 3.79
CA ARG A 84 17.14 -5.97 3.53
C ARG A 84 17.97 -5.77 4.78
N LYS A 85 19.14 -6.42 4.87
CA LYS A 85 20.06 -6.15 5.96
C LYS A 85 20.40 -4.65 6.05
N GLU A 86 20.72 -4.04 4.90
CA GLU A 86 21.00 -2.59 4.84
C GLU A 86 20.07 -1.88 3.88
N ASN A 87 19.46 -0.78 4.33
CA ASN A 87 18.62 0.03 3.44
C ASN A 87 19.43 0.63 2.30
N ILE A 88 18.87 0.59 1.10
CA ILE A 88 19.51 1.16 -0.09
C ILE A 88 19.06 2.61 -0.27
N PRO A 89 19.97 3.57 -0.11
CA PRO A 89 19.60 4.95 -0.43
C PRO A 89 19.23 5.12 -1.89
N LEU A 90 18.27 6.01 -2.13
CA LEU A 90 17.74 6.18 -3.48
C LEU A 90 17.78 7.63 -3.85
N LYS A 91 17.92 7.89 -5.14
CA LYS A 91 17.81 9.24 -5.66
C LYS A 91 16.33 9.51 -5.90
N LEU A 92 15.98 10.78 -5.91
CA LEU A 92 14.65 11.23 -6.29
C LEU A 92 14.60 11.63 -7.75
N SER A 93 13.53 11.25 -8.43
CA SER A 93 13.25 11.86 -9.75
C SER A 93 11.78 11.78 -10.11
N GLU A 94 11.32 12.73 -10.95
CA GLU A 94 10.08 12.52 -11.67
C GLU A 94 10.13 11.36 -12.65
N ASP A 95 11.37 11.04 -13.12
CA ASP A 95 11.56 9.88 -13.97
C ASP A 95 11.68 8.66 -13.06
N CYS A 96 10.54 8.06 -12.77
CA CYS A 96 10.44 7.03 -11.71
C CYS A 96 9.49 5.88 -12.03
N LEU A 97 8.96 5.81 -13.24
CA LEU A 97 8.00 4.77 -13.61
C LEU A 97 8.73 3.50 -14.07
N TYR A 98 9.21 2.79 -13.04
CA TYR A 98 10.03 1.59 -13.19
C TYR A 98 9.49 0.48 -12.33
N LEU A 99 9.79 -0.75 -12.73
CA LEU A 99 9.50 -1.89 -11.88
C LEU A 99 10.76 -2.77 -11.79
N ASN A 100 10.81 -3.57 -10.73
CA ASN A 100 11.92 -4.51 -10.44
C ASN A 100 11.35 -5.92 -10.45
N ILE A 101 12.07 -6.87 -10.99
CA ILE A 101 11.61 -8.24 -11.15
C ILE A 101 12.62 -9.23 -10.52
N TYR A 102 12.07 -10.15 -9.69
CA TYR A 102 12.81 -11.21 -9.04
C TYR A 102 12.19 -12.51 -9.52
N THR A 103 12.88 -13.23 -10.42
CA THR A 103 12.36 -14.47 -10.94
C THR A 103 13.25 -15.64 -10.58
N PRO A 104 12.65 -16.64 -9.88
CA PRO A 104 13.47 -17.80 -9.52
C PRO A 104 13.58 -18.84 -10.65
N ALA A 105 12.90 -18.59 -11.76
CA ALA A 105 12.86 -19.50 -12.86
C ALA A 105 14.24 -19.60 -13.54
N ASP A 106 14.60 -20.83 -13.90
CA ASP A 106 15.69 -21.01 -14.83
C ASP A 106 15.18 -20.60 -16.21
N LEU A 107 15.63 -19.44 -16.68
CA LEU A 107 15.13 -18.85 -17.90
C LEU A 107 15.56 -19.55 -19.21
N THR A 108 16.45 -20.55 -19.09
CA THR A 108 16.78 -21.43 -20.21
C THR A 108 15.76 -22.55 -20.38
N LYS A 109 14.85 -22.69 -19.40
CA LYS A 109 13.82 -23.74 -19.42
C LYS A 109 12.41 -23.15 -19.47
N LYS A 110 11.40 -23.98 -19.70
CA LYS A 110 10.01 -23.52 -19.69
C LYS A 110 9.51 -23.25 -18.27
N ASN A 111 8.95 -22.06 -18.05
CA ASN A 111 8.35 -21.72 -16.76
C ASN A 111 7.13 -20.81 -16.93
N ARG A 112 6.08 -21.11 -16.16
CA ARG A 112 4.90 -20.27 -16.07
C ARG A 112 4.49 -20.23 -14.59
N LEU A 113 5.29 -19.51 -13.82
CA LEU A 113 5.11 -19.40 -12.39
C LEU A 113 4.08 -18.31 -12.02
N PRO A 114 3.41 -18.48 -10.87
CA PRO A 114 2.57 -17.40 -10.41
C PRO A 114 3.37 -16.11 -10.24
N VAL A 115 2.72 -14.99 -10.56
CA VAL A 115 3.32 -13.70 -10.40
C VAL A 115 2.64 -12.93 -9.28
N MET A 116 3.46 -12.31 -8.43
CA MET A 116 2.98 -11.46 -7.34
C MET A 116 3.55 -10.06 -7.52
N VAL A 117 2.64 -9.11 -7.75
CA VAL A 117 3.00 -7.73 -8.03
C VAL A 117 2.71 -6.91 -6.76
N TRP A 118 3.75 -6.36 -6.19
CA TRP A 118 3.77 -5.61 -4.92
C TRP A 118 3.61 -4.14 -5.14
N ILE A 119 2.60 -3.55 -4.46
CA ILE A 119 2.37 -2.11 -4.47
C ILE A 119 2.71 -1.52 -3.10
N HIS A 120 3.77 -0.77 -2.98
CA HIS A 120 4.24 -0.22 -1.72
C HIS A 120 3.25 0.81 -1.12
N GLY A 121 3.32 0.97 0.19
CA GLY A 121 2.68 2.07 0.87
C GLY A 121 3.58 3.26 1.16
N GLY A 122 3.06 4.19 1.95
CA GLY A 122 3.67 5.50 2.20
C GLY A 122 2.66 6.64 1.96
N GLY A 123 1.40 6.39 2.28
CA GLY A 123 0.41 7.44 2.23
C GLY A 123 0.08 8.08 0.89
N LEU A 124 0.47 7.42 -0.20
CA LEU A 124 0.45 8.00 -1.53
C LEU A 124 1.38 9.20 -1.70
N MET A 125 2.25 9.43 -0.72
CA MET A 125 3.14 10.59 -0.64
C MET A 125 4.63 10.26 -0.72
N VAL A 126 5.00 9.11 -0.14
CA VAL A 126 6.37 8.63 -0.06
C VAL A 126 6.40 7.15 -0.38
N GLY A 127 7.61 6.59 -0.47
CA GLY A 127 7.72 5.16 -0.70
C GLY A 127 8.49 4.80 -1.96
N ALA A 128 8.90 3.55 -2.08
CA ALA A 128 9.66 3.08 -3.24
C ALA A 128 9.52 1.59 -3.40
N ALA A 129 9.59 1.08 -4.62
CA ALA A 129 9.64 -0.35 -4.88
C ALA A 129 10.89 -0.99 -4.28
N SER A 130 12.02 -0.31 -4.38
CA SER A 130 13.35 -0.87 -4.09
C SER A 130 13.59 -1.15 -2.60
N THR A 131 12.70 -0.62 -1.75
CA THR A 131 12.66 -0.94 -0.33
C THR A 131 12.46 -2.43 -0.10
N TYR A 132 11.75 -3.07 -1.04
CA TYR A 132 11.28 -4.46 -0.88
C TYR A 132 12.11 -5.39 -1.79
N ASP A 133 12.92 -6.23 -1.16
CA ASP A 133 13.77 -7.16 -1.92
C ASP A 133 12.94 -8.41 -2.16
N GLY A 134 12.67 -8.80 -3.38
CA GLY A 134 11.87 -9.96 -3.73
C GLY A 134 12.58 -11.31 -3.62
N LEU A 135 13.87 -11.28 -3.30
CA LEU A 135 14.74 -12.47 -3.43
C LEU A 135 14.23 -13.68 -2.61
N ALA A 136 13.86 -13.41 -1.36
CA ALA A 136 13.50 -14.52 -0.42
C ALA A 136 12.13 -15.13 -0.73
N LEU A 137 11.13 -14.28 -0.96
CA LEU A 137 9.84 -14.77 -1.36
C LEU A 137 9.91 -15.53 -2.67
N ALA A 138 10.63 -14.96 -3.66
CA ALA A 138 10.70 -15.62 -4.95
C ALA A 138 11.33 -17.03 -4.82
N ALA A 139 12.43 -17.12 -4.08
CA ALA A 139 13.18 -18.39 -4.00
C ALA A 139 12.39 -19.40 -3.12
N HIS A 140 11.89 -18.94 -1.98
CA HIS A 140 11.22 -19.87 -1.05
C HIS A 140 9.93 -20.41 -1.66
N GLU A 141 9.18 -19.58 -2.42
CA GLU A 141 7.88 -20.02 -2.90
C GLU A 141 7.74 -20.22 -4.40
N ASN A 142 8.83 -20.03 -5.14
CA ASN A 142 8.80 -20.23 -6.59
C ASN A 142 7.71 -19.42 -7.26
N VAL A 143 7.76 -18.12 -6.97
CA VAL A 143 6.87 -17.16 -7.59
C VAL A 143 7.73 -16.04 -8.18
N VAL A 144 7.23 -15.42 -9.25
CA VAL A 144 7.88 -14.22 -9.80
C VAL A 144 7.38 -13.04 -9.00
N VAL A 145 8.29 -12.33 -8.35
CA VAL A 145 7.95 -11.14 -7.58
C VAL A 145 8.29 -9.87 -8.38
N VAL A 146 7.31 -8.96 -8.51
CA VAL A 146 7.50 -7.71 -9.26
C VAL A 146 7.15 -6.59 -8.30
N THR A 147 8.05 -5.64 -8.06
CA THR A 147 7.77 -4.48 -7.24
C THR A 147 7.66 -3.26 -8.18
N ILE A 148 6.59 -2.48 -8.00
CA ILE A 148 6.28 -1.39 -8.91
C ILE A 148 6.38 -0.04 -8.26
N GLN A 149 6.63 0.98 -9.09
CA GLN A 149 6.54 2.36 -8.66
C GLN A 149 5.40 3.04 -9.40
N TYR A 150 5.00 4.13 -8.80
CA TYR A 150 3.85 4.93 -9.25
C TYR A 150 3.99 6.32 -8.71
N ARG A 151 3.53 7.33 -9.51
CA ARG A 151 3.73 8.69 -9.10
C ARG A 151 3.08 8.95 -7.72
N LEU A 152 3.75 9.79 -6.93
CA LEU A 152 3.36 10.08 -5.56
C LEU A 152 3.03 11.57 -5.39
N GLY A 153 2.26 11.89 -4.37
CA GLY A 153 2.09 13.30 -3.98
C GLY A 153 1.38 14.13 -5.04
N ILE A 154 1.89 15.34 -5.22
CA ILE A 154 1.37 16.27 -6.26
C ILE A 154 1.40 15.61 -7.65
N TRP A 155 2.57 15.03 -7.99
CA TRP A 155 2.71 14.38 -9.27
C TRP A 155 1.73 13.26 -9.50
N GLY A 156 1.42 12.50 -8.41
CA GLY A 156 0.56 11.36 -8.59
C GLY A 156 -0.96 11.61 -8.39
N PHE A 157 -1.30 12.69 -7.68
CA PHE A 157 -2.66 12.84 -7.18
C PHE A 157 -3.24 14.26 -7.29
N PHE A 158 -2.51 15.24 -7.84
CA PHE A 158 -3.09 16.55 -8.06
C PHE A 158 -4.37 16.45 -8.91
N SER A 159 -5.45 17.01 -8.37
CA SER A 159 -6.74 16.96 -9.03
C SER A 159 -7.42 18.31 -8.90
N THR A 160 -7.89 18.82 -10.03
CA THR A 160 -8.78 19.98 -10.07
C THR A 160 -10.25 19.63 -9.93
N GLY A 161 -10.56 18.34 -9.83
CA GLY A 161 -11.94 17.89 -9.78
C GLY A 161 -12.67 17.96 -11.11
N ASP A 162 -11.93 18.13 -12.20
CA ASP A 162 -12.55 18.21 -13.52
C ASP A 162 -11.57 17.72 -14.58
N GLU A 163 -11.96 17.84 -15.83
CA GLU A 163 -11.25 17.21 -16.92
C GLU A 163 -9.83 17.76 -17.15
N HIS A 164 -9.49 18.91 -16.58
CA HIS A 164 -8.18 19.53 -16.79
C HIS A 164 -7.09 18.86 -15.95
N SER A 165 -7.50 18.28 -14.83
CA SER A 165 -6.61 17.41 -14.07
C SER A 165 -7.47 16.46 -13.21
N ARG A 166 -7.95 15.38 -13.81
CA ARG A 166 -8.86 14.45 -13.11
C ARG A 166 -8.31 13.94 -11.80
N GLY A 167 -7.04 13.53 -11.81
CA GLY A 167 -6.38 12.96 -10.62
C GLY A 167 -6.05 11.50 -10.84
N ASN A 168 -5.61 10.87 -9.73
CA ASN A 168 -5.33 9.44 -9.70
C ASN A 168 -4.24 8.96 -10.67
N TRP A 169 -3.33 9.84 -10.99
CA TRP A 169 -2.23 9.51 -11.91
C TRP A 169 -1.45 8.31 -11.40
N GLY A 170 -1.18 8.28 -10.10
CA GLY A 170 -0.44 7.14 -9.52
C GLY A 170 -1.19 5.84 -9.68
N HIS A 171 -2.52 5.85 -9.51
CA HIS A 171 -3.28 4.63 -9.78
C HIS A 171 -3.26 4.21 -11.25
N LEU A 172 -3.32 5.23 -12.16
CA LEU A 172 -3.18 4.92 -13.57
C LEU A 172 -1.81 4.28 -13.86
N ASP A 173 -0.79 4.73 -13.15
CA ASP A 173 0.56 4.13 -13.24
C ASP A 173 0.53 2.67 -12.79
N GLN A 174 -0.15 2.39 -11.67
CA GLN A 174 -0.31 1.00 -11.23
C GLN A 174 -0.99 0.12 -12.27
N VAL A 175 -2.05 0.64 -12.91
CA VAL A 175 -2.68 -0.06 -14.00
C VAL A 175 -1.67 -0.29 -15.17
N ALA A 176 -0.92 0.74 -15.55
CA ALA A 176 0.04 0.64 -16.64
C ALA A 176 1.08 -0.44 -16.36
N ALA A 177 1.50 -0.50 -15.11
CA ALA A 177 2.48 -1.54 -14.71
C ALA A 177 1.88 -2.96 -14.85
N LEU A 178 0.62 -3.11 -14.43
CA LEU A 178 -0.10 -4.36 -14.63
C LEU A 178 -0.28 -4.76 -16.08
N ARG A 179 -0.54 -3.77 -16.95
CA ARG A 179 -0.66 -3.98 -18.38
C ARG A 179 0.71 -4.49 -18.92
N TRP A 180 1.78 -3.88 -18.43
CA TRP A 180 3.13 -4.27 -18.84
C TRP A 180 3.39 -5.72 -18.40
N VAL A 181 2.98 -6.06 -17.20
CA VAL A 181 3.13 -7.45 -16.71
C VAL A 181 2.36 -8.43 -17.60
N GLN A 182 1.12 -8.09 -17.96
CA GLN A 182 0.38 -8.96 -18.89
C GLN A 182 1.17 -9.19 -20.17
N ASP A 183 1.75 -8.12 -20.70
CA ASP A 183 2.39 -8.16 -22.01
C ASP A 183 3.79 -8.76 -22.01
N ASN A 184 4.44 -8.85 -20.84
CA ASN A 184 5.85 -9.19 -20.77
C ASN A 184 6.27 -10.29 -19.82
N ILE A 185 5.47 -10.59 -18.81
CA ILE A 185 6.00 -11.42 -17.72
C ILE A 185 6.35 -12.86 -18.13
N ALA A 186 5.69 -13.38 -19.16
CA ALA A 186 6.01 -14.70 -19.71
C ALA A 186 7.50 -14.80 -20.07
N SER A 187 8.10 -13.67 -20.47
CA SER A 187 9.52 -13.64 -20.83
C SER A 187 10.45 -13.83 -19.61
N PHE A 188 9.91 -13.58 -18.42
CA PHE A 188 10.63 -13.76 -17.16
C PHE A 188 10.19 -15.04 -16.43
N GLY A 189 9.49 -15.93 -17.12
CA GLY A 189 9.08 -17.24 -16.56
C GLY A 189 7.80 -17.13 -15.72
N GLY A 190 7.08 -16.04 -15.87
CA GLY A 190 5.83 -15.84 -15.17
C GLY A 190 4.62 -16.18 -16.03
N ASN A 191 3.52 -16.47 -15.35
CA ASN A 191 2.25 -16.80 -15.97
C ASN A 191 1.39 -15.56 -15.95
N PRO A 192 1.16 -14.94 -17.13
CA PRO A 192 0.30 -13.74 -17.12
C PRO A 192 -1.15 -14.06 -16.76
N GLY A 193 -1.53 -15.33 -16.87
CA GLY A 193 -2.84 -15.80 -16.42
C GLY A 193 -2.97 -16.05 -14.93
N SER A 194 -1.91 -15.81 -14.17
CA SER A 194 -1.95 -15.88 -12.69
C SER A 194 -1.15 -14.78 -12.04
N VAL A 195 -1.77 -13.60 -11.98
CA VAL A 195 -1.17 -12.44 -11.39
C VAL A 195 -1.93 -12.07 -10.13
N THR A 196 -1.18 -12.00 -9.04
CA THR A 196 -1.71 -11.56 -7.75
C THR A 196 -1.17 -10.18 -7.42
N ILE A 197 -2.09 -9.24 -7.22
CA ILE A 197 -1.69 -7.95 -6.70
C ILE A 197 -1.76 -7.97 -5.16
N PHE A 198 -0.73 -7.44 -4.55
CA PHE A 198 -0.63 -7.31 -3.11
C PHE A 198 0.07 -6.05 -2.71
N GLY A 199 -0.34 -5.47 -1.58
CA GLY A 199 0.24 -4.25 -1.12
C GLY A 199 -0.19 -3.94 0.27
N GLU A 200 0.54 -3.03 0.89
CA GLU A 200 0.39 -2.68 2.30
C GLU A 200 0.13 -1.20 2.49
N ALA A 201 -0.83 -0.90 3.37
CA ALA A 201 -1.18 0.47 3.76
C ALA A 201 -1.76 1.22 2.53
N ALA A 202 -1.13 2.30 2.06
CA ALA A 202 -1.61 2.94 0.82
C ALA A 202 -1.58 1.96 -0.40
N GLY A 203 -0.63 0.99 -0.37
CA GLY A 203 -0.64 -0.08 -1.36
C GLY A 203 -1.80 -1.03 -1.27
N GLY A 204 -2.22 -1.32 -0.02
CA GLY A 204 -3.43 -2.11 0.15
C GLY A 204 -4.71 -1.37 -0.26
N GLU A 205 -4.76 -0.08 0.04
CA GLU A 205 -5.81 0.82 -0.49
C GLU A 205 -5.80 0.83 -2.02
N SER A 206 -4.61 0.83 -2.62
CA SER A 206 -4.51 0.83 -4.08
C SER A 206 -5.04 -0.50 -4.63
N VAL A 207 -4.64 -1.64 -4.00
CA VAL A 207 -5.18 -2.89 -4.41
C VAL A 207 -6.72 -2.89 -4.40
N SER A 208 -7.27 -2.37 -3.29
CA SER A 208 -8.73 -2.33 -3.11
C SER A 208 -9.40 -1.45 -4.19
N VAL A 209 -8.79 -0.30 -4.45
CA VAL A 209 -9.18 0.57 -5.56
C VAL A 209 -9.16 -0.15 -6.92
N LEU A 210 -8.10 -0.91 -7.18
CA LEU A 210 -8.02 -1.65 -8.42
C LEU A 210 -9.12 -2.69 -8.55
N VAL A 211 -9.47 -3.35 -7.43
CA VAL A 211 -10.57 -4.30 -7.44
C VAL A 211 -11.88 -3.63 -7.89
N LEU A 212 -12.02 -2.34 -7.57
CA LEU A 212 -13.21 -1.55 -7.91
C LEU A 212 -13.18 -0.81 -9.25
N SER A 213 -12.08 -0.91 -10.00
CA SER A 213 -11.91 -0.08 -11.20
C SER A 213 -12.04 -0.89 -12.49
N PRO A 214 -12.89 -0.42 -13.41
CA PRO A 214 -13.04 -1.09 -14.69
C PRO A 214 -11.72 -1.10 -15.48
N LEU A 215 -10.84 -0.15 -15.18
CA LEU A 215 -9.59 -0.02 -15.95
C LEU A 215 -8.65 -1.17 -15.67
N ALA A 216 -8.90 -1.87 -14.56
CA ALA A 216 -8.02 -2.96 -14.12
C ALA A 216 -8.57 -4.33 -14.50
N LYS A 217 -9.65 -4.36 -15.30
CA LYS A 217 -10.24 -5.62 -15.76
C LYS A 217 -9.21 -6.49 -16.47
N ASN A 218 -9.21 -7.78 -16.13
CA ASN A 218 -8.32 -8.79 -16.74
C ASN A 218 -6.83 -8.60 -16.47
N LEU A 219 -6.46 -7.78 -15.50
CA LEU A 219 -5.05 -7.51 -15.19
C LEU A 219 -4.55 -8.25 -13.96
N PHE A 220 -5.46 -8.89 -13.22
CA PHE A 220 -5.05 -9.68 -12.05
C PHE A 220 -6.13 -10.68 -11.71
N HIS A 221 -5.72 -11.70 -10.98
CA HIS A 221 -6.55 -12.88 -10.73
C HIS A 221 -6.74 -13.21 -9.26
N ARG A 222 -6.02 -12.49 -8.39
CA ARG A 222 -6.15 -12.59 -6.92
C ARG A 222 -5.66 -11.26 -6.40
N ALA A 223 -6.07 -10.91 -5.19
CA ALA A 223 -5.71 -9.66 -4.56
C ALA A 223 -5.47 -9.86 -3.09
N ILE A 224 -4.54 -9.09 -2.55
CA ILE A 224 -4.24 -9.03 -1.11
C ILE A 224 -4.04 -7.60 -0.65
N SER A 225 -4.93 -7.18 0.27
CA SER A 225 -4.78 -5.92 0.94
C SER A 225 -4.29 -6.11 2.36
N GLU A 226 -3.11 -5.60 2.66
CA GLU A 226 -2.51 -5.62 3.98
C GLU A 226 -2.61 -4.26 4.64
N SER A 227 -3.44 -4.14 5.69
CA SER A 227 -3.51 -2.89 6.46
C SER A 227 -3.92 -1.66 5.60
N GLY A 228 -4.95 -1.83 4.79
CA GLY A 228 -5.50 -0.69 4.02
C GLY A 228 -6.41 -1.12 2.91
N VAL A 229 -7.59 -0.46 2.84
CA VAL A 229 -8.57 -0.76 1.82
C VAL A 229 -9.15 0.59 1.33
N ALA A 230 -10.07 0.50 0.38
CA ALA A 230 -10.63 1.70 -0.25
C ALA A 230 -11.64 2.45 0.66
N LEU A 231 -12.02 1.83 1.77
CA LEU A 231 -12.75 2.51 2.84
C LEU A 231 -11.86 3.07 3.96
N THR A 232 -10.51 2.93 3.84
CA THR A 232 -9.59 3.69 4.68
C THR A 232 -9.65 5.17 4.27
N SER A 233 -10.54 5.91 4.93
CA SER A 233 -10.99 7.22 4.45
C SER A 233 -9.91 8.28 4.34
N VAL A 234 -8.84 8.19 5.13
CA VAL A 234 -7.76 9.18 5.07
C VAL A 234 -7.21 9.31 3.63
N LEU A 235 -7.30 8.22 2.86
CA LEU A 235 -6.73 8.13 1.48
C LEU A 235 -7.70 8.45 0.33
N VAL A 236 -8.98 8.63 0.67
CA VAL A 236 -10.03 8.79 -0.33
C VAL A 236 -10.82 10.06 -0.09
N LYS A 237 -10.81 10.93 -1.10
CA LYS A 237 -11.43 12.23 -0.98
C LYS A 237 -12.79 12.15 -1.63
N LYS A 238 -13.80 12.49 -0.84
CA LYS A 238 -15.14 12.68 -1.38
C LYS A 238 -15.49 14.16 -1.26
N GLY A 239 -16.40 14.60 -2.09
CA GLY A 239 -16.73 16.02 -2.11
C GLY A 239 -15.68 16.83 -2.82
N ASP A 240 -15.61 18.12 -2.48
CA ASP A 240 -15.02 19.15 -3.33
C ASP A 240 -13.52 19.20 -3.17
N VAL A 241 -12.82 18.88 -4.26
CA VAL A 241 -11.38 18.84 -4.23
C VAL A 241 -10.77 20.18 -4.68
N LYS A 242 -11.60 21.10 -5.20
CA LYS A 242 -11.10 22.35 -5.75
C LYS A 242 -10.33 23.23 -4.73
N PRO A 243 -10.78 23.30 -3.45
CA PRO A 243 -10.03 24.16 -2.51
C PRO A 243 -8.58 23.71 -2.25
N LEU A 244 -8.40 22.39 -2.15
CA LEU A 244 -7.06 21.81 -2.05
C LEU A 244 -6.21 22.14 -3.30
N ALA A 245 -6.78 21.94 -4.48
CA ALA A 245 -6.11 22.27 -5.75
C ALA A 245 -5.65 23.73 -5.78
N GLU A 246 -6.56 24.63 -5.40
CA GLU A 246 -6.22 26.03 -5.30
C GLU A 246 -5.13 26.33 -4.25
N GLN A 247 -5.17 25.63 -3.12
CA GLN A 247 -4.15 25.84 -2.11
C GLN A 247 -2.76 25.43 -2.65
N ILE A 248 -2.71 24.30 -3.34
CA ILE A 248 -1.45 23.82 -3.95
C ILE A 248 -0.94 24.82 -4.99
N ALA A 249 -1.85 25.29 -5.83
CA ALA A 249 -1.52 26.23 -6.92
C ALA A 249 -0.92 27.51 -6.32
N ILE A 250 -1.62 28.07 -5.34
CA ILE A 250 -1.17 29.30 -4.69
C ILE A 250 0.17 29.11 -4.00
N THR A 251 0.33 28.00 -3.29
CA THR A 251 1.57 27.74 -2.59
C THR A 251 2.73 27.64 -3.59
N ALA A 252 2.45 27.08 -4.78
CA ALA A 252 3.45 26.98 -5.86
C ALA A 252 3.71 28.30 -6.61
N GLY A 253 2.90 29.32 -6.32
CA GLY A 253 3.02 30.65 -6.95
C GLY A 253 2.18 30.79 -8.21
N CYS A 254 1.14 29.97 -8.35
CA CYS A 254 0.29 29.97 -9.51
C CYS A 254 -1.03 30.69 -9.23
N LYS A 255 -1.58 31.34 -10.26
CA LYS A 255 -2.92 31.92 -10.19
C LYS A 255 -3.98 30.83 -10.25
N THR A 256 -5.16 31.17 -9.76
CA THR A 256 -6.24 30.19 -9.67
C THR A 256 -7.41 30.55 -10.57
N THR A 257 -7.15 31.33 -11.60
CA THR A 257 -8.23 31.86 -12.42
C THR A 257 -9.21 30.82 -12.96
N THR A 258 -8.66 29.73 -13.50
CA THR A 258 -9.43 28.59 -13.96
C THR A 258 -8.61 27.32 -13.67
N SER A 259 -9.25 26.18 -13.78
CA SER A 259 -8.57 24.88 -13.59
C SER A 259 -7.47 24.73 -14.64
N ALA A 260 -7.79 25.04 -15.90
CA ALA A 260 -6.79 24.82 -16.97
C ALA A 260 -5.58 25.77 -16.76
N VAL A 261 -5.81 26.97 -16.27
CA VAL A 261 -4.74 27.88 -15.95
C VAL A 261 -3.86 27.37 -14.80
N MET A 262 -4.49 26.84 -13.75
CA MET A 262 -3.76 26.22 -12.65
C MET A 262 -2.84 25.11 -13.12
N VAL A 263 -3.41 24.18 -13.90
CA VAL A 263 -2.66 22.98 -14.33
C VAL A 263 -1.51 23.41 -15.25
N HIS A 264 -1.79 24.33 -16.16
CA HIS A 264 -0.73 24.81 -17.06
C HIS A 264 0.44 25.42 -16.29
N CYS A 265 0.17 26.25 -15.30
CA CYS A 265 1.18 26.86 -14.48
C CYS A 265 1.99 25.81 -13.73
N LEU A 266 1.29 24.88 -13.11
CA LEU A 266 1.97 23.83 -12.34
C LEU A 266 2.85 22.99 -13.24
N ARG A 267 2.43 22.77 -14.49
CA ARG A 267 3.26 22.05 -15.47
C ARG A 267 4.54 22.78 -15.88
N GLN A 268 4.65 24.08 -15.60
CA GLN A 268 5.88 24.83 -15.90
C GLN A 268 6.87 24.85 -14.75
N LYS A 269 6.41 24.40 -13.57
CA LYS A 269 7.25 24.43 -12.39
C LYS A 269 8.30 23.31 -12.49
N THR A 270 9.47 23.56 -11.92
CA THR A 270 10.50 22.53 -11.85
C THR A 270 10.16 21.49 -10.79
N GLU A 271 10.81 20.33 -10.92
CA GLU A 271 10.68 19.28 -9.89
C GLU A 271 11.03 19.87 -8.52
N GLU A 272 12.09 20.67 -8.47
CA GLU A 272 12.56 21.30 -7.25
C GLU A 272 11.46 22.19 -6.68
N GLU A 273 10.83 22.98 -7.55
CA GLU A 273 9.76 23.86 -7.12
C GLU A 273 8.56 23.11 -6.54
N LEU A 274 8.19 22.01 -7.17
CA LEU A 274 7.08 21.20 -6.70
C LEU A 274 7.42 20.46 -5.41
N LEU A 275 8.69 20.12 -5.24
CA LEU A 275 9.09 19.52 -3.96
C LEU A 275 9.06 20.55 -2.85
N GLU A 276 9.48 21.78 -3.14
CA GLU A 276 9.43 22.87 -2.18
C GLU A 276 7.96 23.07 -1.75
N THR A 277 7.05 23.02 -2.72
CA THR A 277 5.61 23.19 -2.46
C THR A 277 5.10 22.05 -1.59
N THR A 278 5.47 20.82 -1.95
CA THR A 278 5.15 19.64 -1.18
C THR A 278 5.51 19.85 0.29
N LEU A 279 6.75 20.29 0.55
CA LEU A 279 7.22 20.42 1.93
C LEU A 279 6.47 21.54 2.66
N LYS A 280 6.14 22.62 1.95
CA LYS A 280 5.33 23.71 2.51
C LYS A 280 3.92 23.26 2.90
N MET A 281 3.32 22.37 2.11
CA MET A 281 1.97 21.87 2.40
C MET A 281 1.86 21.00 3.65
N LYS A 282 2.96 20.45 4.13
CA LYS A 282 2.93 19.57 5.32
C LYS A 282 1.91 18.41 5.20
N PHE A 283 2.08 17.55 4.22
CA PHE A 283 1.04 16.56 3.86
C PHE A 283 0.88 15.31 4.73
N LEU A 284 1.88 15.03 5.56
CA LEU A 284 1.89 13.80 6.37
C LEU A 284 1.92 14.11 7.87
N SER A 285 1.36 15.25 8.24
CA SER A 285 1.18 15.62 9.62
C SER A 285 -0.14 16.33 9.74
N LEU A 286 -0.64 16.47 10.96
CA LEU A 286 -1.92 17.19 11.20
C LEU A 286 -1.70 18.69 11.25
N ASP A 287 -2.65 19.43 10.67
CA ASP A 287 -2.63 20.88 10.71
C ASP A 287 -2.70 21.32 12.18
N LEU A 288 -1.86 22.29 12.54
CA LEU A 288 -1.81 22.81 13.90
C LEU A 288 -3.02 23.70 14.19
N GLN A 289 -3.42 24.51 13.20
CA GLN A 289 -4.42 25.55 13.38
C GLN A 289 -5.70 25.31 12.58
N GLY A 290 -6.79 25.87 13.10
CA GLY A 290 -8.03 25.97 12.34
C GLY A 290 -8.80 24.67 12.16
N ASP A 291 -9.73 24.71 11.21
CA ASP A 291 -10.74 23.68 11.00
C ASP A 291 -10.12 22.34 10.62
N PRO A 292 -10.32 21.31 11.47
CA PRO A 292 -9.78 20.00 11.12
C PRO A 292 -10.35 19.39 9.83
N ARG A 293 -11.57 19.79 9.46
CA ARG A 293 -12.16 19.34 8.18
C ARG A 293 -11.45 19.89 6.92
N GLU A 294 -10.60 20.90 7.09
CA GLU A 294 -9.76 21.43 5.99
C GLU A 294 -8.33 20.89 6.06
N LEU A 298 -5.75 16.74 2.78
CA LEU A 298 -4.81 15.71 2.35
C LEU A 298 -5.04 15.28 0.86
N LEU A 299 -3.94 14.93 0.25
CA LEU A 299 -3.89 14.48 -1.13
C LEU A 299 -4.16 12.99 -1.16
N GLY A 300 -4.72 12.49 -2.25
CA GLY A 300 -4.96 11.06 -2.41
C GLY A 300 -5.88 10.69 -3.54
N THR A 301 -6.52 9.53 -3.41
CA THR A 301 -7.45 9.00 -4.37
C THR A 301 -8.70 9.90 -4.42
N VAL A 302 -9.15 10.18 -5.63
CA VAL A 302 -10.40 10.90 -5.84
C VAL A 302 -11.35 10.08 -6.71
N ILE A 303 -12.61 10.54 -6.77
CA ILE A 303 -13.58 9.92 -7.67
C ILE A 303 -13.51 10.69 -8.98
N ASP A 304 -12.67 10.18 -9.88
CA ASP A 304 -12.24 10.92 -11.06
C ASP A 304 -13.09 10.72 -12.32
N GLY A 305 -13.85 9.64 -12.39
CA GLY A 305 -14.72 9.32 -13.53
C GLY A 305 -14.11 8.40 -14.57
N MET A 306 -12.82 8.09 -14.43
CA MET A 306 -12.12 7.16 -15.34
C MET A 306 -11.67 5.91 -14.58
N LEU A 307 -10.88 6.11 -13.54
CA LEU A 307 -10.45 4.99 -12.67
C LEU A 307 -11.61 4.52 -11.77
N LEU A 308 -12.18 5.49 -11.05
CA LEU A 308 -13.33 5.24 -10.16
C LEU A 308 -14.48 6.09 -10.62
N LEU A 309 -15.58 5.42 -10.92
CA LEU A 309 -16.76 6.05 -11.48
C LEU A 309 -17.75 6.54 -10.39
N LYS A 310 -17.69 5.92 -9.23
CA LYS A 310 -18.47 6.29 -8.07
C LYS A 310 -17.63 6.05 -6.82
N THR A 311 -18.18 6.38 -5.66
CA THR A 311 -17.47 6.16 -4.40
C THR A 311 -17.32 4.65 -4.18
N PRO A 312 -16.28 4.28 -3.43
CA PRO A 312 -16.15 2.85 -3.10
C PRO A 312 -17.42 2.22 -2.51
N GLU A 313 -18.08 2.99 -1.64
CA GLU A 313 -19.30 2.53 -1.00
C GLU A 313 -20.40 2.23 -2.02
N GLU A 314 -20.53 3.11 -3.02
CA GLU A 314 -21.52 2.91 -4.08
C GLU A 314 -21.17 1.72 -4.95
N LEU A 315 -19.89 1.56 -5.29
CA LEU A 315 -19.44 0.47 -6.15
C LEU A 315 -19.62 -0.90 -5.46
N GLN A 316 -19.40 -0.92 -4.16
CA GLN A 316 -19.64 -2.12 -3.38
C GLN A 316 -21.10 -2.55 -3.42
N ALA A 317 -21.99 -1.57 -3.24
CA ALA A 317 -23.42 -1.84 -3.27
C ALA A 317 -23.87 -2.35 -4.64
N GLU A 318 -23.18 -1.93 -5.70
CA GLU A 318 -23.55 -2.32 -7.06
C GLU A 318 -23.01 -3.67 -7.54
N ARG A 319 -21.89 -4.13 -6.95
CA ARG A 319 -21.28 -5.43 -7.31
C ARG A 319 -21.20 -5.49 -8.82
N ASN A 320 -20.67 -4.44 -9.48
CA ASN A 320 -19.76 -4.59 -10.60
C ASN A 320 -18.26 -4.60 -10.47
N PHE A 321 -17.74 -4.98 -9.33
CA PHE A 321 -16.30 -5.01 -9.15
C PHE A 321 -15.74 -6.42 -9.47
N HIS A 322 -14.41 -6.54 -9.46
CA HIS A 322 -13.73 -7.75 -9.90
C HIS A 322 -13.79 -8.79 -8.78
N THR A 323 -14.54 -9.85 -9.01
CA THR A 323 -14.83 -10.83 -7.95
C THR A 323 -13.75 -11.93 -7.92
N VAL A 324 -12.52 -11.47 -7.86
CA VAL A 324 -11.38 -12.34 -7.70
C VAL A 324 -11.24 -12.78 -6.23
N PRO A 325 -10.53 -13.90 -6.00
CA PRO A 325 -10.17 -14.19 -4.62
C PRO A 325 -9.42 -13.03 -3.98
N TYR A 326 -9.82 -12.66 -2.76
CA TYR A 326 -9.31 -11.48 -2.10
C TYR A 326 -9.07 -11.76 -0.64
N MET A 327 -7.83 -11.53 -0.22
CA MET A 327 -7.38 -11.64 1.15
C MET A 327 -7.19 -10.24 1.74
N VAL A 328 -7.91 -9.97 2.83
CA VAL A 328 -7.88 -8.66 3.49
C VAL A 328 -7.46 -8.86 4.90
N GLY A 329 -6.44 -8.17 5.36
CA GLY A 329 -5.99 -8.30 6.74
C GLY A 329 -5.50 -7.04 7.38
N ILE A 330 -5.39 -7.13 8.71
CA ILE A 330 -4.96 -6.07 9.55
C ILE A 330 -3.99 -6.61 10.59
N ASN A 331 -3.34 -5.70 11.27
CA ASN A 331 -2.45 -6.02 12.36
C ASN A 331 -3.11 -5.65 13.66
N LYS A 332 -2.70 -6.32 14.74
CA LYS A 332 -3.38 -6.13 16.05
C LYS A 332 -3.43 -4.68 16.56
N GLN A 333 -2.35 -3.93 16.34
CA GLN A 333 -2.18 -2.59 16.91
C GLN A 333 -1.73 -1.60 15.82
N GLU A 334 -2.62 -1.36 14.86
CA GLU A 334 -2.22 -0.58 13.66
C GLU A 334 -1.76 0.84 13.97
N PHE A 335 -2.24 1.42 15.05
CA PHE A 335 -1.81 2.75 15.45
C PHE A 335 -0.92 2.71 16.71
N GLY A 336 -0.19 1.61 16.88
CA GLY A 336 0.53 1.34 18.13
C GLY A 336 1.76 2.22 18.34
N TRP A 337 2.52 2.45 17.26
CA TRP A 337 3.78 3.21 17.35
C TRP A 337 4.18 3.92 16.06
N LEU A 338 4.37 3.13 15.00
CA LEU A 338 4.99 3.65 13.76
C LEU A 338 4.25 4.83 13.13
N ILE A 339 2.95 4.71 12.91
CA ILE A 339 2.22 5.82 12.28
C ILE A 339 2.26 7.11 13.12
N PRO A 340 1.85 7.04 14.41
CA PRO A 340 1.89 8.30 15.16
C PRO A 340 3.28 8.90 15.23
N MET A 341 4.30 8.06 15.31
CA MET A 341 5.68 8.56 15.37
C MET A 341 6.04 9.29 14.07
N LEU A 342 5.77 8.67 12.92
CA LEU A 342 6.08 9.28 11.61
C LEU A 342 5.30 10.57 11.35
N MET A 343 4.10 10.66 11.93
CA MET A 343 3.27 11.85 11.80
C MET A 343 3.59 12.95 12.82
N SER A 344 4.52 12.68 13.74
CA SER A 344 4.68 13.53 14.93
C SER A 344 3.32 13.79 15.58
N TYR A 345 2.54 12.72 15.73
CA TYR A 345 1.17 12.81 16.23
C TYR A 345 1.21 13.45 17.60
N PRO A 346 0.37 14.48 17.85
CA PRO A 346 0.54 15.29 19.06
C PRO A 346 0.05 14.62 20.36
N LEU A 347 0.73 13.55 20.75
CA LEU A 347 0.43 12.81 21.98
C LEU A 347 1.73 12.17 22.50
N SER A 348 2.28 12.73 23.58
CA SER A 348 3.63 12.37 24.05
C SER A 348 3.67 11.80 25.46
N GLU A 349 2.61 11.99 26.23
CA GLU A 349 2.69 11.91 27.69
C GLU A 349 2.69 10.51 28.27
N GLY A 350 2.00 9.58 27.60
CA GLY A 350 1.80 8.24 28.13
C GLY A 350 0.54 8.13 28.97
N GLN A 351 -0.23 9.22 29.02
CA GLN A 351 -1.57 9.22 29.59
C GLN A 351 -2.45 10.21 28.83
N LEU A 352 -3.77 10.05 28.98
CA LEU A 352 -4.73 10.84 28.23
C LEU A 352 -6.04 10.94 29.00
N ASP A 353 -6.43 12.16 29.36
CA ASP A 353 -7.78 12.38 29.93
C ASP A 353 -8.80 12.47 28.79
N GLN A 354 -10.07 12.43 29.14
CA GLN A 354 -11.14 12.29 28.15
C GLN A 354 -11.47 13.59 27.40
N LYS A 355 -11.31 14.72 28.08
CA LYS A 355 -11.43 16.04 27.43
C LYS A 355 -10.35 16.21 26.35
N THR A 356 -9.11 15.89 26.72
CA THR A 356 -8.00 15.96 25.77
C THR A 356 -8.20 14.96 24.62
N ALA A 357 -8.73 13.80 24.94
CA ALA A 357 -9.04 12.81 23.92
C ALA A 357 -10.04 13.35 22.91
N MET A 358 -11.03 14.09 23.39
CA MET A 358 -12.07 14.60 22.50
C MET A 358 -11.50 15.67 21.54
N SER A 359 -10.74 16.62 22.09
CA SER A 359 -10.10 17.65 21.26
C SER A 359 -9.13 17.02 20.26
N LEU A 360 -8.37 16.02 20.69
CA LEU A 360 -7.42 15.31 19.84
C LEU A 360 -8.12 14.57 18.71
N LEU A 361 -9.24 13.94 19.01
CA LEU A 361 -9.95 13.18 18.00
C LEU A 361 -10.54 14.11 16.93
N TRP A 362 -10.95 15.32 17.35
CA TRP A 362 -11.40 16.36 16.40
C TRP A 362 -10.23 16.81 15.51
N LYS A 363 -9.11 17.13 16.15
CA LYS A 363 -7.92 17.53 15.36
C LYS A 363 -7.43 16.42 14.43
N SER A 364 -7.80 15.18 14.76
CA SER A 364 -7.48 13.98 13.98
C SER A 364 -8.45 13.73 12.81
N TYR A 365 -9.37 14.66 12.57
CA TYR A 365 -10.35 14.51 11.50
C TYR A 365 -9.78 14.01 10.15
N PRO A 366 -8.66 14.58 9.67
CA PRO A 366 -8.11 14.04 8.41
C PRO A 366 -7.88 12.51 8.42
N LEU A 367 -7.48 11.97 9.57
CA LEU A 367 -7.21 10.52 9.72
C LEU A 367 -8.46 9.67 9.87
N VAL A 368 -9.41 10.17 10.65
CA VAL A 368 -10.56 9.35 11.06
C VAL A 368 -11.89 9.84 10.53
N CYS A 369 -11.95 11.09 10.10
CA CYS A 369 -13.11 11.62 9.38
C CYS A 369 -14.38 11.52 10.28
N ILE A 370 -14.22 11.82 11.57
CA ILE A 370 -15.33 11.75 12.53
C ILE A 370 -15.92 13.13 12.82
N ALA A 371 -17.17 13.33 12.43
CA ALA A 371 -17.87 14.61 12.61
C ALA A 371 -17.89 15.02 14.09
N LYS A 372 -17.70 16.32 14.34
CA LYS A 372 -17.52 16.89 15.68
C LYS A 372 -18.62 16.46 16.65
N GLU A 373 -19.85 16.40 16.16
CA GLU A 373 -21.00 16.04 17.00
C GLU A 373 -20.97 14.60 17.44
N LEU A 374 -20.22 13.75 16.73
CA LEU A 374 -20.12 12.34 17.06
C LEU A 374 -18.96 12.02 18.02
N ILE A 375 -18.12 13.01 18.29
CA ILE A 375 -16.86 12.77 19.01
C ILE A 375 -17.02 12.38 20.50
N PRO A 376 -17.87 13.10 21.26
CA PRO A 376 -18.08 12.65 22.65
C PRO A 376 -18.58 11.21 22.75
N GLU A 377 -19.50 10.83 21.88
CA GLU A 377 -20.10 9.49 21.90
C GLU A 377 -19.05 8.43 21.54
N ALA A 378 -18.22 8.72 20.54
CA ALA A 378 -17.11 7.83 20.17
C ALA A 378 -16.07 7.69 21.28
N THR A 379 -15.65 8.82 21.85
CA THR A 379 -14.63 8.85 22.89
C THR A 379 -15.14 8.13 24.15
N GLU A 380 -16.38 8.39 24.51
CA GLU A 380 -17.01 7.70 25.63
C GLU A 380 -17.05 6.17 25.46
N LYS A 381 -17.47 5.70 24.29
CA LYS A 381 -17.46 4.25 23.98
C LYS A 381 -16.13 3.57 24.31
N TYR A 382 -15.04 4.18 23.85
CA TYR A 382 -13.74 3.58 24.00
C TYR A 382 -13.07 3.84 25.35
N LEU A 383 -13.20 5.05 25.88
CA LEU A 383 -12.43 5.47 27.05
C LEU A 383 -13.25 5.53 28.36
N GLY A 384 -14.58 5.56 28.25
CA GLY A 384 -15.44 5.85 29.38
C GLY A 384 -15.55 4.79 30.48
N GLY A 385 -15.20 3.56 30.11
CA GLY A 385 -15.31 2.42 31.04
C GLY A 385 -14.22 2.32 32.09
N THR A 386 -13.20 3.17 31.98
CA THR A 386 -12.09 3.20 32.93
C THR A 386 -11.70 4.62 33.29
N ASP A 387 -11.33 4.83 34.56
CA ASP A 387 -10.86 6.12 35.03
C ASP A 387 -9.32 6.19 35.02
N ASP A 388 -8.68 5.11 34.55
CA ASP A 388 -7.22 5.04 34.39
C ASP A 388 -6.85 5.69 33.04
N THR A 389 -6.10 6.79 33.12
CA THR A 389 -5.81 7.63 31.96
C THR A 389 -4.71 7.03 31.06
N VAL A 390 -3.94 6.10 31.61
CA VAL A 390 -2.94 5.35 30.85
C VAL A 390 -3.70 4.36 29.96
N LYS A 391 -4.65 3.66 30.60
CA LYS A 391 -5.50 2.72 29.87
C LYS A 391 -6.33 3.45 28.80
N LYS A 392 -6.82 4.65 29.14
CA LYS A 392 -7.55 5.50 28.18
C LYS A 392 -6.71 5.75 26.92
N LYS A 393 -5.42 6.02 27.11
CA LYS A 393 -4.52 6.31 26.00
C LYS A 393 -4.37 5.12 25.07
N ASP A 394 -4.21 3.92 25.64
CA ASP A 394 -4.11 2.70 24.85
C ASP A 394 -5.41 2.44 24.10
N LEU A 395 -6.55 2.66 24.78
CA LEU A 395 -7.85 2.47 24.15
C LEU A 395 -8.06 3.51 23.03
N PHE A 396 -7.52 4.71 23.24
CA PHE A 396 -7.57 5.76 22.21
C PHE A 396 -6.82 5.30 20.93
N LEU A 397 -5.67 4.65 21.09
CA LEU A 397 -4.92 4.12 19.95
C LEU A 397 -5.71 2.99 19.26
N ASP A 398 -6.47 2.22 20.05
CA ASP A 398 -7.35 1.20 19.48
C ASP A 398 -8.46 1.86 18.65
N LEU A 399 -9.04 2.93 19.20
CA LEU A 399 -10.08 3.72 18.52
C LEU A 399 -9.62 4.12 17.11
N ILE A 400 -8.47 4.78 17.08
CA ILE A 400 -7.90 5.26 15.76
C ILE A 400 -7.67 4.08 14.81
N ALA A 401 -7.05 3.01 15.32
CA ALA A 401 -6.79 1.84 14.47
C ALA A 401 -8.07 1.25 13.91
N ASP A 402 -9.12 1.16 14.75
CA ASP A 402 -10.36 0.52 14.34
C ASP A 402 -11.05 1.34 13.22
N VAL A 403 -11.03 2.65 13.36
CA VAL A 403 -11.68 3.53 12.38
C VAL A 403 -10.89 3.55 11.07
N MET A 404 -9.55 3.57 11.15
CA MET A 404 -8.71 3.66 9.92
C MET A 404 -8.61 2.33 9.21
N PHE A 405 -8.50 1.24 10.00
CA PHE A 405 -8.10 -0.07 9.45
C PHE A 405 -9.08 -1.20 9.68
N GLY A 406 -9.38 -1.52 10.96
CA GLY A 406 -10.12 -2.74 11.22
C GLY A 406 -11.55 -2.74 10.69
N VAL A 407 -12.28 -1.64 10.96
CA VAL A 407 -13.68 -1.53 10.49
C VAL A 407 -13.77 -1.45 8.95
N PRO A 408 -12.96 -0.56 8.34
CA PRO A 408 -13.05 -0.52 6.87
C PRO A 408 -12.68 -1.86 6.22
N SER A 409 -11.70 -2.57 6.84
CA SER A 409 -11.27 -3.85 6.28
C SER A 409 -12.36 -4.92 6.32
N VAL A 410 -13.02 -5.04 7.49
CA VAL A 410 -14.10 -5.98 7.57
C VAL A 410 -15.31 -5.63 6.67
N ILE A 411 -15.65 -4.33 6.56
CA ILE A 411 -16.73 -3.94 5.65
C ILE A 411 -16.41 -4.30 4.20
N VAL A 412 -15.15 -4.06 3.77
CA VAL A 412 -14.74 -4.44 2.46
C VAL A 412 -14.81 -5.94 2.24
N ALA A 413 -14.26 -6.72 3.20
CA ALA A 413 -14.28 -8.16 3.08
C ALA A 413 -15.71 -8.72 3.05
N ARG A 414 -16.61 -8.15 3.89
CA ARG A 414 -18.02 -8.57 3.87
C ARG A 414 -18.72 -8.31 2.53
N ASN A 415 -18.45 -7.13 1.95
CA ASN A 415 -19.05 -6.78 0.66
C ASN A 415 -18.50 -7.64 -0.46
N HIS A 416 -17.21 -7.93 -0.38
CA HIS A 416 -16.59 -8.79 -1.36
C HIS A 416 -17.17 -10.21 -1.31
N ARG A 417 -17.23 -10.78 -0.10
CA ARG A 417 -17.86 -12.08 0.12
C ARG A 417 -19.30 -12.12 -0.41
N ASP A 418 -20.04 -11.06 -0.11
CA ASP A 418 -21.45 -10.99 -0.42
C ASP A 418 -21.70 -10.87 -1.90
N ALA A 419 -20.69 -10.44 -2.65
CA ALA A 419 -20.76 -10.45 -4.12
C ALA A 419 -20.43 -11.84 -4.71
N GLY A 420 -20.11 -12.81 -3.86
CA GLY A 420 -19.87 -14.18 -4.33
C GLY A 420 -18.40 -14.53 -4.54
N ALA A 421 -17.50 -13.62 -4.20
CA ALA A 421 -16.06 -13.84 -4.38
C ALA A 421 -15.44 -14.58 -3.20
N PRO A 422 -14.52 -15.53 -3.49
CA PRO A 422 -13.78 -16.11 -2.35
C PRO A 422 -13.02 -15.03 -1.59
N THR A 423 -13.21 -15.02 -0.28
CA THR A 423 -12.64 -14.02 0.57
C THR A 423 -11.97 -14.68 1.78
N TYR A 424 -10.85 -14.08 2.20
CA TYR A 424 -10.08 -14.47 3.38
C TYR A 424 -9.69 -13.26 4.19
N MET A 425 -9.64 -13.42 5.52
CA MET A 425 -9.12 -12.39 6.40
C MET A 425 -8.10 -12.93 7.36
N TYR A 426 -7.25 -12.03 7.84
CA TYR A 426 -6.32 -12.29 8.94
C TYR A 426 -6.17 -11.10 9.87
N GLU A 427 -5.76 -11.41 11.11
CA GLU A 427 -5.22 -10.41 12.00
C GLU A 427 -3.85 -10.89 12.43
N PHE A 428 -2.82 -10.06 12.18
CA PHE A 428 -1.46 -10.38 12.44
C PHE A 428 -1.02 -9.82 13.78
N GLN A 429 -0.53 -10.72 14.64
CA GLN A 429 -0.13 -10.33 15.96
C GLN A 429 1.25 -10.89 16.33
N TYR A 430 2.28 -10.13 16.02
CA TYR A 430 3.63 -10.51 16.33
C TYR A 430 4.46 -9.26 16.37
N ARG A 431 5.48 -9.25 17.23
CA ARG A 431 6.43 -8.17 17.28
C ARG A 431 7.76 -8.62 16.67
N PRO A 432 8.03 -8.17 15.44
CA PRO A 432 9.31 -8.60 14.82
C PRO A 432 10.57 -8.15 15.55
N SER A 433 11.61 -8.99 15.53
CA SER A 433 12.89 -8.60 16.10
C SER A 433 13.49 -7.40 15.31
N PHE A 434 12.96 -7.20 14.10
CA PHE A 434 13.45 -6.17 13.17
C PHE A 434 12.87 -4.77 13.47
N SER A 435 11.90 -4.73 14.40
CA SER A 435 11.36 -3.48 14.93
C SER A 435 12.46 -2.52 15.30
N SER A 436 12.18 -1.22 15.11
CA SER A 436 13.01 -0.18 15.69
C SER A 436 13.18 -0.45 17.18
N ASP A 437 14.39 -0.31 17.70
CA ASP A 437 14.59 -0.52 19.15
C ASP A 437 14.12 0.73 19.95
N MET A 438 13.55 1.71 19.25
CA MET A 438 12.83 2.83 19.86
C MET A 438 11.33 2.54 20.08
N LYS A 439 10.84 1.43 19.54
CA LYS A 439 9.43 1.03 19.65
C LYS A 439 9.28 0.30 21.00
N PRO A 440 8.27 0.65 21.79
CA PRO A 440 8.07 -0.10 23.04
C PRO A 440 7.98 -1.63 22.86
N LYS A 441 8.54 -2.39 23.81
CA LYS A 441 8.53 -3.88 23.76
C LYS A 441 7.10 -4.45 23.77
N THR A 442 6.15 -3.64 24.22
CA THR A 442 4.76 -4.08 24.40
C THR A 442 3.86 -3.80 23.19
N VAL A 443 4.39 -3.12 22.18
CA VAL A 443 3.62 -2.92 20.96
C VAL A 443 3.80 -4.16 20.11
N ILE A 444 2.70 -4.82 19.79
CA ILE A 444 2.65 -6.08 19.07
C ILE A 444 1.70 -5.97 17.88
N GLY A 445 2.19 -6.32 16.70
CA GLY A 445 1.40 -6.14 15.50
C GLY A 445 1.18 -4.66 15.20
N ASP A 446 2.25 -3.89 15.24
CA ASP A 446 2.24 -2.50 14.76
C ASP A 446 1.98 -2.49 13.26
N HIS A 447 1.52 -1.35 12.76
CA HIS A 447 1.51 -1.08 11.30
C HIS A 447 2.84 -1.50 10.68
N GLY A 448 2.77 -2.34 9.66
CA GLY A 448 3.95 -2.78 8.92
C GLY A 448 4.62 -4.04 9.46
N ASP A 449 4.21 -4.50 10.65
CA ASP A 449 4.94 -5.61 11.27
C ASP A 449 4.90 -6.90 10.46
N GLU A 450 3.84 -7.12 9.69
CA GLU A 450 3.70 -8.31 8.85
C GLU A 450 4.68 -8.36 7.66
N LEU A 451 5.14 -7.18 7.23
CA LEU A 451 6.03 -7.06 6.05
C LEU A 451 7.25 -7.97 6.15
N PHE A 452 7.78 -8.05 7.36
CA PHE A 452 9.01 -8.80 7.59
C PHE A 452 8.79 -10.29 7.34
N SER A 453 7.61 -10.79 7.69
CA SER A 453 7.23 -12.16 7.43
C SER A 453 6.93 -12.40 5.94
N VAL A 454 6.12 -11.49 5.34
CA VAL A 454 5.74 -11.66 3.96
C VAL A 454 6.95 -11.65 3.02
N PHE A 455 7.91 -10.79 3.32
CA PHE A 455 9.09 -10.62 2.43
C PHE A 455 10.32 -11.37 2.90
N GLY A 456 10.18 -12.25 3.90
CA GLY A 456 11.33 -13.13 4.23
C GLY A 456 12.50 -12.42 4.87
N ALA A 457 12.29 -11.38 5.65
CA ALA A 457 13.36 -10.69 6.31
C ALA A 457 14.29 -11.61 7.14
N PRO A 458 13.74 -12.68 7.78
CA PRO A 458 14.66 -13.58 8.49
C PRO A 458 15.72 -14.25 7.61
N PHE A 459 15.56 -14.18 6.31
CA PHE A 459 16.53 -14.76 5.40
C PHE A 459 17.52 -13.80 4.80
N LEU A 460 17.35 -12.53 5.17
CA LEU A 460 18.18 -11.44 4.66
C LEU A 460 18.83 -10.68 5.80
N LYS A 461 18.04 -10.34 6.81
CA LYS A 461 18.51 -9.62 7.98
C LYS A 461 19.05 -10.64 8.99
N GLU A 462 19.76 -10.15 9.99
CA GLU A 462 20.35 -10.98 11.06
C GLU A 462 19.43 -11.02 12.26
N GLY A 463 19.56 -12.08 13.06
CA GLY A 463 19.03 -12.08 14.41
C GLY A 463 17.68 -12.74 14.64
N ALA A 464 17.05 -13.26 13.58
CA ALA A 464 15.72 -13.87 13.77
C ALA A 464 15.81 -15.17 14.59
N SER A 465 14.85 -15.33 15.48
CA SER A 465 14.72 -16.53 16.28
C SER A 465 14.21 -17.66 15.42
N GLU A 466 14.28 -18.89 15.94
CA GLU A 466 13.71 -20.03 15.23
C GLU A 466 12.21 -19.81 14.95
N GLU A 467 11.51 -19.30 15.95
CA GLU A 467 10.08 -19.02 15.82
C GLU A 467 9.78 -18.00 14.70
N GLU A 468 10.58 -16.93 14.66
CA GLU A 468 10.42 -15.87 13.66
C GLU A 468 10.72 -16.35 12.23
N ILE A 469 11.76 -17.18 12.09
CA ILE A 469 12.07 -17.85 10.82
C ILE A 469 10.88 -18.69 10.33
N ARG A 470 10.34 -19.53 11.22
CA ARG A 470 9.22 -20.38 10.86
C ARG A 470 7.97 -19.53 10.54
N LEU A 471 7.78 -18.42 11.24
CA LEU A 471 6.60 -17.54 11.01
C LEU A 471 6.68 -16.96 9.59
N SER A 472 7.89 -16.56 9.18
CA SER A 472 8.04 -16.06 7.81
C SER A 472 7.79 -17.15 6.78
N LYS A 473 8.37 -18.36 6.98
CA LYS A 473 8.08 -19.45 6.05
C LYS A 473 6.60 -19.71 5.88
N MET A 474 5.89 -19.76 7.02
CA MET A 474 4.44 -19.99 7.00
C MET A 474 3.68 -18.91 6.24
N VAL A 475 3.99 -17.68 6.55
CA VAL A 475 3.32 -16.53 5.91
C VAL A 475 3.59 -16.49 4.39
N MET A 476 4.85 -16.65 4.01
CA MET A 476 5.17 -16.66 2.58
C MET A 476 4.43 -17.79 1.88
N LYS A 477 4.36 -18.98 2.55
CA LYS A 477 3.67 -20.11 1.94
C LYS A 477 2.15 -19.87 1.79
N PHE A 478 1.53 -19.31 2.81
CA PHE A 478 0.10 -18.93 2.71
C PHE A 478 -0.15 -17.93 1.56
N TRP A 479 0.71 -16.92 1.50
CA TRP A 479 0.61 -15.89 0.44
C TRP A 479 0.77 -16.48 -0.95
N ALA A 480 1.83 -17.28 -1.12
CA ALA A 480 2.08 -17.91 -2.42
C ALA A 480 1.08 -19.00 -2.79
N ASN A 481 0.58 -19.78 -1.80
CA ASN A 481 -0.50 -20.69 -2.09
C ASN A 481 -1.76 -19.92 -2.58
N PHE A 482 -1.98 -18.78 -1.96
CA PHE A 482 -3.09 -17.90 -2.36
C PHE A 482 -2.89 -17.41 -3.80
N ALA A 483 -1.64 -17.06 -4.12
CA ALA A 483 -1.29 -16.67 -5.48
C ALA A 483 -1.54 -17.83 -6.45
N ARG A 484 -1.14 -19.04 -6.05
CA ARG A 484 -1.37 -20.20 -6.89
C ARG A 484 -2.84 -20.54 -7.10
N ASN A 485 -3.59 -20.60 -5.99
CA ASN A 485 -4.88 -21.27 -5.98
C ASN A 485 -6.08 -20.44 -5.58
N GLY A 486 -5.84 -19.22 -5.13
CA GLY A 486 -6.91 -18.36 -4.62
C GLY A 486 -7.44 -18.84 -3.29
N ASN A 487 -6.60 -19.61 -2.60
CA ASN A 487 -6.92 -20.28 -1.34
C ASN A 487 -5.56 -20.51 -0.70
N PRO A 488 -5.34 -19.95 0.50
CA PRO A 488 -4.00 -20.03 1.09
C PRO A 488 -3.60 -21.39 1.66
N ASN A 489 -4.56 -22.32 1.74
CA ASN A 489 -4.32 -23.56 2.47
C ASN A 489 -3.38 -24.53 1.76
N GLY A 490 -2.71 -25.35 2.57
CA GLY A 490 -1.88 -26.41 2.04
C GLY A 490 -1.39 -27.30 3.14
N GLU A 491 -0.81 -28.43 2.75
CA GLU A 491 -0.32 -29.39 3.74
C GLU A 491 0.77 -28.72 4.56
N GLY A 492 0.76 -29.00 5.87
CA GLY A 492 1.77 -28.47 6.77
C GLY A 492 1.42 -27.15 7.41
N LEU A 493 0.37 -26.51 6.90
CA LEU A 493 0.00 -25.18 7.36
C LEU A 493 -1.28 -25.23 8.21
N PRO A 494 -1.38 -24.34 9.22
CA PRO A 494 -2.65 -24.26 9.96
C PRO A 494 -3.83 -24.04 9.05
N HIS A 495 -4.99 -24.58 9.39
CA HIS A 495 -6.18 -24.36 8.58
C HIS A 495 -6.64 -22.91 8.63
N TRP A 496 -6.88 -22.36 7.44
CA TRP A 496 -7.35 -20.98 7.31
C TRP A 496 -8.74 -21.04 6.71
N PRO A 497 -9.77 -20.77 7.55
CA PRO A 497 -11.10 -20.86 7.00
C PRO A 497 -11.45 -19.76 5.99
N GLU A 498 -12.32 -20.08 5.05
CA GLU A 498 -12.89 -19.07 4.18
C GLU A 498 -13.68 -18.02 5.00
N TYR A 499 -13.56 -16.75 4.62
CA TYR A 499 -14.37 -15.70 5.23
C TYR A 499 -15.76 -15.74 4.60
N ASN A 500 -16.60 -16.61 5.15
CA ASN A 500 -17.96 -16.79 4.64
C ASN A 500 -18.93 -16.21 5.67
N GLN A 501 -20.18 -16.71 5.72
CA GLN A 501 -21.14 -16.11 6.65
C GLN A 501 -20.71 -16.29 8.10
N LYS A 502 -19.87 -17.31 8.39
CA LYS A 502 -19.34 -17.52 9.77
C LYS A 502 -18.17 -16.59 10.11
N GLU A 503 -17.60 -15.94 9.08
CA GLU A 503 -16.58 -14.92 9.32
C GLU A 503 -15.32 -15.46 10.01
N GLY A 504 -14.96 -16.67 9.58
CA GLY A 504 -13.70 -17.24 9.98
C GLY A 504 -12.56 -16.42 9.45
N TYR A 505 -11.52 -16.28 10.28
CA TYR A 505 -10.31 -15.57 9.88
C TYR A 505 -9.12 -16.22 10.58
N LEU A 506 -7.91 -15.94 10.14
CA LEU A 506 -6.73 -16.48 10.76
C LEU A 506 -6.01 -15.48 11.65
N GLN A 507 -5.77 -15.88 12.90
CA GLN A 507 -4.95 -15.09 13.81
C GLN A 507 -3.54 -15.57 13.59
N ILE A 508 -2.73 -14.71 13.00
CA ILE A 508 -1.36 -15.08 12.61
C ILE A 508 -0.35 -14.53 13.59
N GLY A 509 0.54 -15.41 14.12
CA GLY A 509 1.55 -14.95 15.04
C GLY A 509 2.30 -16.17 15.54
N ALA A 510 2.90 -16.08 16.71
CA ALA A 510 3.59 -17.22 17.32
C ALA A 510 2.66 -18.45 17.43
N ASN A 511 1.42 -18.24 17.87
CA ASN A 511 0.44 -19.34 17.86
C ASN A 511 -0.66 -19.00 16.88
N THR A 512 -0.58 -19.60 15.71
CA THR A 512 -1.47 -19.26 14.60
C THR A 512 -2.69 -20.17 14.64
N GLN A 513 -3.86 -19.54 14.73
CA GLN A 513 -5.10 -20.32 14.78
C GLN A 513 -6.28 -19.56 14.25
N ALA A 514 -7.27 -20.32 13.81
CA ALA A 514 -8.50 -19.73 13.35
C ALA A 514 -9.35 -19.15 14.48
N ALA A 515 -10.11 -18.12 14.12
CA ALA A 515 -11.12 -17.51 14.97
C ALA A 515 -12.27 -17.01 14.08
N GLN A 516 -13.30 -16.41 14.69
CA GLN A 516 -14.47 -15.96 13.99
C GLN A 516 -14.85 -14.54 14.37
N LYS A 517 -15.45 -13.84 13.40
CA LYS A 517 -16.10 -12.56 13.63
C LYS A 517 -15.15 -11.42 14.04
N LEU A 518 -14.06 -11.31 13.27
CA LEU A 518 -13.12 -10.23 13.42
C LEU A 518 -13.83 -8.87 13.42
N LYS A 519 -13.52 -8.04 14.41
CA LYS A 519 -14.04 -6.68 14.60
C LYS A 519 -15.58 -6.56 14.52
N ASP A 520 -16.31 -7.62 14.84
CA ASP A 520 -17.75 -7.64 14.63
C ASP A 520 -18.40 -6.53 15.45
N LYS A 521 -18.03 -6.43 16.72
CA LYS A 521 -18.74 -5.50 17.61
C LYS A 521 -18.32 -4.06 17.27
N GLU A 522 -17.10 -3.89 16.77
CA GLU A 522 -16.57 -2.58 16.40
C GLU A 522 -17.27 -2.11 15.12
N VAL A 523 -17.45 -2.98 14.14
CA VAL A 523 -18.15 -2.61 12.90
C VAL A 523 -19.57 -2.15 13.25
N ALA A 524 -20.24 -2.88 14.14
CA ALA A 524 -21.61 -2.52 14.53
C ALA A 524 -21.62 -1.15 15.18
N PHE A 525 -20.72 -0.90 16.12
CA PHE A 525 -20.67 0.36 16.80
C PHE A 525 -20.49 1.54 15.86
N TRP A 526 -19.46 1.46 15.03
CA TRP A 526 -19.11 2.53 14.13
C TRP A 526 -20.14 2.72 13.05
N THR A 527 -20.66 1.63 12.49
CA THR A 527 -21.68 1.73 11.45
C THR A 527 -22.93 2.43 11.98
N ASN A 528 -23.39 2.00 13.15
CA ASN A 528 -24.52 2.66 13.78
C ASN A 528 -24.27 4.14 14.11
N LEU A 529 -23.07 4.45 14.61
CA LEU A 529 -22.71 5.80 14.97
C LEU A 529 -22.71 6.71 13.74
N PHE A 530 -22.07 6.26 12.67
CA PHE A 530 -21.95 7.08 11.46
C PHE A 530 -23.30 7.27 10.74
N ALA A 531 -24.27 6.40 11.04
CA ALA A 531 -25.62 6.57 10.52
C ALA A 531 -26.60 7.31 11.46
N LYS A 532 -26.11 7.92 12.55
CA LYS A 532 -27.00 8.67 13.47
C LYS A 532 -27.86 9.74 12.74
C1 NAG B . 25.61 -2.58 -15.98
C2 NAG B . 27.05 -2.65 -16.54
C3 NAG B . 28.06 -2.90 -15.42
C4 NAG B . 27.93 -1.80 -14.36
C5 NAG B . 26.50 -1.83 -13.81
C6 NAG B . 26.26 -0.74 -12.77
C7 NAG B . 27.01 -3.39 -18.91
C8 NAG B . 26.68 -2.01 -19.44
N2 NAG B . 27.15 -3.64 -17.59
O3 NAG B . 29.36 -2.89 -15.95
O4 NAG B . 28.89 -1.96 -13.32
O5 NAG B . 25.57 -1.66 -14.89
O6 NAG B . 24.96 -0.84 -12.21
O7 NAG B . 27.13 -4.31 -19.72
#